data_4ECG
#
_entry.id   4ECG
#
_cell.length_a   113.892
_cell.length_b   113.892
_cell.length_c   75.219
_cell.angle_alpha   90.000
_cell.angle_beta   90.000
_cell.angle_gamma   90.000
#
_symmetry.space_group_name_H-M   'I 41'
#
loop_
_entity.id
_entity.type
_entity.pdbx_description
1 polymer 'Putative iron-regulated protein A'
2 non-polymer 'CHLORIDE ION'
3 non-polymer 'CALCIUM ION'
4 non-polymer 'PENTAETHYLENE GLYCOL'
5 water water
#
_entity_poly.entity_id   1
_entity_poly.type   'polypeptide(L)'
_entity_poly.pdbx_seq_one_letter_code
;GNDDPGKDPDVVTYDFKNLPADSGAKPTEDQ(MSE)SAVVATFVDEVALPTYKD(MSE)LTK(MSE)TAYKNAVDKFIAS
GSKNDLADACDAWRAVRVPWEQSEAFLFGVADLAQLDPSLDSWPLDKNGIEEIIATGEFSKISGAVDEDAEDGPQNLRGF
HTAEK(MSE)LFLDGEPRDLETSPFAKNELEYLKLVSER(MSE)LSDTQDLYNGWLKGLGTSDVPSSYAEA(MSE)KKHD
GSAYSIGNVYQAIEL(MSE)LNGNNG(MSE)AGISNEVGSAKITDPVTAWNGSNKDATDPNNPGVLAVESWYSWNSLDDY
KNNIVSIKNAYFGGRDLDEESASESSLHALTK(MSE)INPTLDSL(MSE)VVQIDKTIDAINAIGYPFRNNLGDTEHINT
ATEACADLTTGLGVVKSKFTN
;
_entity_poly.pdbx_strand_id   A
#
# COMPACT_ATOMS: atom_id res chain seq x y z
N THR A 13 16.52 -26.01 13.10
CA THR A 13 17.43 -26.18 11.93
C THR A 13 16.69 -26.02 10.58
N TYR A 14 15.36 -26.17 10.51
CA TYR A 14 14.61 -25.92 9.24
C TYR A 14 14.44 -24.46 8.86
N ASP A 15 14.55 -24.18 7.56
CA ASP A 15 14.20 -22.86 7.00
C ASP A 15 13.46 -23.04 5.66
N PHE A 16 13.08 -21.95 5.01
CA PHE A 16 12.31 -22.02 3.77
C PHE A 16 12.93 -22.79 2.61
N LYS A 17 14.27 -22.80 2.51
CA LYS A 17 15.02 -23.50 1.46
C LYS A 17 15.48 -24.91 1.87
N ASN A 18 15.11 -25.34 3.09
CA ASN A 18 15.48 -26.65 3.68
C ASN A 18 14.30 -27.12 4.52
N LEU A 19 13.28 -27.63 3.83
CA LEU A 19 12.06 -28.06 4.46
C LEU A 19 12.03 -29.58 4.56
N PRO A 20 11.21 -30.09 5.50
CA PRO A 20 10.93 -31.53 5.49
C PRO A 20 9.94 -31.83 4.36
N ALA A 21 9.76 -33.11 4.08
CA ALA A 21 8.81 -33.61 3.09
C ALA A 21 7.40 -33.07 3.31
N ASP A 22 6.67 -32.75 2.22
CA ASP A 22 5.23 -32.40 2.35
C ASP A 22 4.44 -33.55 3.02
N SER A 23 3.24 -33.27 3.54
CA SER A 23 2.44 -34.34 4.19
C SER A 23 1.98 -35.38 3.17
N GLY A 24 1.64 -34.93 1.98
CA GLY A 24 1.03 -35.76 0.95
C GLY A 24 -0.41 -35.35 0.70
N ALA A 25 -1.05 -34.67 1.68
CA ALA A 25 -2.37 -34.07 1.48
C ALA A 25 -2.22 -32.96 0.45
N LYS A 26 -3.08 -32.95 -0.57
CA LYS A 26 -3.18 -31.86 -1.49
C LYS A 26 -4.59 -31.30 -1.46
N PRO A 27 -4.75 -29.98 -1.43
CA PRO A 27 -6.10 -29.44 -1.36
C PRO A 27 -6.91 -29.68 -2.63
N THR A 28 -8.22 -29.83 -2.44
CA THR A 28 -9.15 -30.04 -3.52
C THR A 28 -9.46 -28.69 -4.12
N GLU A 29 -10.12 -28.74 -5.27
CA GLU A 29 -10.55 -27.52 -5.94
C GLU A 29 -11.59 -26.76 -5.14
N ASP A 30 -12.56 -27.47 -4.55
CA ASP A 30 -13.59 -26.83 -3.72
C ASP A 30 -12.90 -26.14 -2.54
N GLN A 31 -11.80 -26.73 -2.05
CA GLN A 31 -11.10 -26.15 -0.88
C GLN A 31 -10.39 -24.85 -1.25
N SER A 33 -11.11 -23.01 -3.86
CA SER A 33 -12.14 -22.02 -4.24
C SER A 33 -12.68 -21.26 -3.00
N ALA A 34 -12.80 -21.96 -1.88
CA ALA A 34 -13.29 -21.35 -0.61
C ALA A 34 -12.25 -20.36 -0.04
N VAL A 35 -10.97 -20.66 -0.21
CA VAL A 35 -9.92 -19.72 0.20
C VAL A 35 -10.03 -18.41 -0.61
N VAL A 36 -10.19 -18.54 -1.92
CA VAL A 36 -10.37 -17.38 -2.81
C VAL A 36 -11.64 -16.61 -2.46
N ALA A 37 -12.74 -17.33 -2.25
CA ALA A 37 -14.00 -16.68 -1.80
C ALA A 37 -13.77 -15.91 -0.51
N THR A 38 -13.17 -16.54 0.50
CA THR A 38 -12.97 -15.86 1.78
C THR A 38 -12.00 -14.69 1.64
N PHE A 39 -10.98 -14.83 0.78
CA PHE A 39 -10.11 -13.71 0.51
C PHE A 39 -10.91 -12.50 -0.03
N VAL A 40 -11.73 -12.73 -1.08
CA VAL A 40 -12.50 -11.68 -1.73
C VAL A 40 -13.51 -11.06 -0.77
N ASP A 41 -14.19 -11.86 0.05
CA ASP A 41 -15.31 -11.37 0.88
C ASP A 41 -14.88 -10.86 2.27
N GLU A 42 -13.79 -11.41 2.80
CA GLU A 42 -13.33 -11.05 4.14
C GLU A 42 -12.00 -10.24 4.17
N VAL A 43 -11.23 -10.20 3.05
CA VAL A 43 -10.00 -9.38 2.99
C VAL A 43 -10.14 -8.19 1.99
N ALA A 44 -10.27 -8.47 0.69
CA ALA A 44 -10.34 -7.42 -0.34
C ALA A 44 -11.52 -6.45 -0.16
N LEU A 45 -12.74 -6.93 -0.41
CA LEU A 45 -13.90 -6.05 -0.45
C LEU A 45 -14.04 -5.24 0.86
N PRO A 46 -13.86 -5.86 2.05
CA PRO A 46 -13.94 -5.02 3.28
C PRO A 46 -12.80 -4.01 3.45
N THR A 47 -11.59 -4.33 3.04
CA THR A 47 -10.50 -3.36 3.13
C THR A 47 -10.85 -2.13 2.29
N TYR A 48 -11.37 -2.38 1.11
CA TYR A 48 -11.66 -1.32 0.18
C TYR A 48 -12.90 -0.56 0.64
N LYS A 49 -13.87 -1.23 1.21
CA LYS A 49 -15.06 -0.56 1.75
C LYS A 49 -14.67 0.36 2.90
N ASP A 50 -13.75 -0.08 3.72
CA ASP A 50 -13.29 0.71 4.87
C ASP A 50 -12.55 1.90 4.29
N LEU A 52 -13.23 3.36 1.36
CA LEU A 52 -14.16 4.32 0.79
C LEU A 52 -14.77 5.14 1.93
N THR A 53 -15.14 4.47 3.03
CA THR A 53 -15.75 5.15 4.16
C THR A 53 -14.76 6.19 4.68
N LYS A 54 -13.50 5.80 4.88
CA LYS A 54 -12.51 6.69 5.47
C LYS A 54 -12.12 7.80 4.49
N THR A 56 -14.19 9.20 2.14
CA THR A 56 -15.30 10.12 2.28
C THR A 56 -15.16 10.99 3.54
N ALA A 57 -14.76 10.43 4.68
CA ALA A 57 -14.51 11.30 5.89
C ALA A 57 -13.35 12.25 5.62
N TYR A 58 -12.31 11.74 4.97
CA TYR A 58 -11.18 12.59 4.67
C TYR A 58 -11.55 13.79 3.78
N LYS A 59 -12.32 13.58 2.71
CA LYS A 59 -12.67 14.67 1.78
C LYS A 59 -13.59 15.68 2.51
N ASN A 60 -14.54 15.20 3.31
CA ASN A 60 -15.39 16.08 4.13
C ASN A 60 -14.57 16.88 5.14
N ALA A 61 -13.55 16.29 5.73
CA ALA A 61 -12.71 17.02 6.69
C ALA A 61 -11.83 18.05 5.98
N VAL A 62 -11.23 17.69 4.84
CA VAL A 62 -10.49 18.65 4.02
C VAL A 62 -11.43 19.82 3.59
N ASP A 63 -12.63 19.52 3.17
CA ASP A 63 -13.58 20.57 2.76
C ASP A 63 -13.91 21.53 3.88
N LYS A 64 -14.11 20.99 5.08
CA LYS A 64 -14.47 21.79 6.23
C LYS A 64 -13.29 22.72 6.58
N PHE A 65 -12.07 22.19 6.56
CA PHE A 65 -10.90 23.06 6.66
C PHE A 65 -10.79 24.12 5.55
N ILE A 66 -10.91 23.73 4.28
CA ILE A 66 -10.81 24.73 3.22
C ILE A 66 -11.76 25.89 3.47
N ALA A 67 -13.00 25.58 3.82
CA ALA A 67 -14.05 26.57 4.13
C ALA A 67 -13.74 27.50 5.31
N SER A 68 -12.92 27.07 6.29
CA SER A 68 -12.81 27.87 7.58
C SER A 68 -11.48 28.50 7.89
N GLY A 69 -10.41 27.84 7.49
CA GLY A 69 -9.07 28.23 7.88
C GLY A 69 -8.72 27.85 9.32
N SER A 70 -9.54 27.00 9.95
CA SER A 70 -9.38 26.65 11.35
C SER A 70 -8.22 25.68 11.53
N LYS A 71 -7.34 25.99 12.49
CA LYS A 71 -6.31 25.06 13.00
C LYS A 71 -6.88 23.70 13.51
N ASN A 72 -8.01 23.67 14.21
CA ASN A 72 -8.60 22.40 14.62
C ASN A 72 -9.10 21.56 13.43
N ASP A 73 -9.68 22.24 12.42
CA ASP A 73 -10.18 21.58 11.20
C ASP A 73 -9.02 20.98 10.39
N LEU A 74 -7.90 21.68 10.37
CA LEU A 74 -6.68 21.20 9.78
C LEU A 74 -6.17 19.94 10.48
N ALA A 75 -5.99 20.03 11.81
CA ALA A 75 -5.59 18.85 12.61
C ALA A 75 -6.48 17.66 12.31
N ASP A 76 -7.81 17.91 12.20
CA ASP A 76 -8.80 16.82 11.87
C ASP A 76 -8.60 16.27 10.44
N ALA A 77 -8.28 17.15 9.49
CA ALA A 77 -7.99 16.73 8.12
C ALA A 77 -6.73 15.86 8.09
N CYS A 78 -5.73 16.26 8.86
CA CYS A 78 -4.49 15.49 8.97
C CYS A 78 -4.70 14.12 9.57
N ASP A 79 -5.49 14.03 10.63
CA ASP A 79 -5.84 12.74 11.23
C ASP A 79 -6.56 11.87 10.19
N ALA A 80 -7.54 12.46 9.51
CA ALA A 80 -8.32 11.74 8.51
C ALA A 80 -7.41 11.22 7.35
N TRP A 81 -6.38 11.96 7.00
CA TRP A 81 -5.43 11.56 5.95
C TRP A 81 -4.73 10.29 6.37
N ARG A 82 -4.20 10.30 7.59
CA ARG A 82 -3.57 9.08 8.18
C ARG A 82 -4.50 7.86 8.27
N ALA A 83 -5.74 8.11 8.66
CA ALA A 83 -6.72 7.03 8.88
C ALA A 83 -7.14 6.39 7.54
N VAL A 84 -7.32 7.16 6.46
CA VAL A 84 -7.64 6.55 5.16
C VAL A 84 -6.43 5.82 4.61
N ARG A 85 -5.25 6.26 5.01
CA ARG A 85 -4.06 5.61 4.55
C ARG A 85 -3.82 4.20 5.14
N VAL A 86 -4.41 3.91 6.30
CA VAL A 86 -4.26 2.58 6.92
C VAL A 86 -4.79 1.53 5.95
N PRO A 87 -6.04 1.65 5.53
CA PRO A 87 -6.56 0.55 4.69
C PRO A 87 -5.96 0.51 3.32
N TRP A 88 -5.57 1.66 2.80
CA TRP A 88 -4.93 1.68 1.52
C TRP A 88 -3.61 0.92 1.60
N GLU A 89 -2.81 1.15 2.63
CA GLU A 89 -1.53 0.48 2.70
C GLU A 89 -1.73 -1.00 3.09
N GLN A 90 -2.78 -1.28 3.85
CA GLN A 90 -3.21 -2.65 4.16
C GLN A 90 -3.76 -3.37 2.94
N SER A 91 -3.71 -2.74 1.77
CA SER A 91 -4.25 -3.36 0.56
C SER A 91 -3.21 -3.63 -0.49
N GLU A 92 -1.95 -3.36 -0.16
CA GLU A 92 -0.88 -3.50 -1.15
C GLU A 92 -0.47 -4.94 -1.42
N ALA A 93 -0.99 -5.89 -0.65
CA ALA A 93 -0.74 -7.33 -0.97
C ALA A 93 -1.66 -7.78 -2.10
N PHE A 94 -2.62 -6.93 -2.48
CA PHE A 94 -3.51 -7.21 -3.58
C PHE A 94 -3.77 -6.01 -4.52
N LEU A 95 -2.70 -5.58 -5.17
CA LEU A 95 -2.76 -4.49 -6.14
C LEU A 95 -3.18 -5.04 -7.49
N PHE A 96 -3.26 -6.35 -7.61
CA PHE A 96 -3.82 -6.95 -8.83
C PHE A 96 -5.26 -6.56 -8.99
N GLY A 97 -5.81 -6.71 -10.19
CA GLY A 97 -7.20 -6.38 -10.39
C GLY A 97 -7.37 -4.90 -10.63
N VAL A 98 -8.33 -4.27 -9.98
CA VAL A 98 -8.73 -2.94 -10.42
C VAL A 98 -7.59 -1.92 -10.19
N ALA A 99 -6.91 -2.02 -9.05
CA ALA A 99 -5.82 -1.08 -8.74
C ALA A 99 -4.78 -1.03 -9.90
N ASP A 100 -4.40 -2.21 -10.38
CA ASP A 100 -3.51 -2.36 -11.52
C ASP A 100 -4.18 -1.93 -12.83
N LEU A 101 -5.34 -2.47 -13.12
CA LEU A 101 -5.93 -2.35 -14.44
C LEU A 101 -6.38 -0.93 -14.82
N ALA A 102 -6.86 -0.18 -13.82
CA ALA A 102 -7.42 1.17 -14.07
C ALA A 102 -6.41 2.18 -13.60
N GLN A 103 -5.19 1.72 -13.36
CA GLN A 103 -4.08 2.61 -13.08
C GLN A 103 -4.23 3.37 -11.76
N LEU A 104 -4.97 2.81 -10.80
CA LEU A 104 -5.33 3.59 -9.65
C LEU A 104 -4.22 3.67 -8.61
N ASP A 105 -3.32 2.71 -8.54
CA ASP A 105 -2.14 2.79 -7.64
C ASP A 105 -1.32 4.06 -7.96
N PRO A 106 -0.87 4.25 -9.20
CA PRO A 106 -0.16 5.50 -9.40
C PRO A 106 -1.04 6.76 -9.36
N SER A 107 -2.31 6.64 -9.71
CA SER A 107 -3.15 7.82 -9.67
C SER A 107 -3.30 8.31 -8.23
N LEU A 108 -3.41 7.37 -7.30
CA LEU A 108 -3.67 7.64 -5.89
C LEU A 108 -2.40 7.97 -5.11
N ASP A 109 -1.22 7.53 -5.57
CA ASP A 109 -0.12 7.40 -4.62
C ASP A 109 1.25 7.42 -5.27
N SER A 110 1.45 8.33 -6.22
CA SER A 110 2.77 8.45 -6.82
C SER A 110 3.79 9.07 -5.87
N TRP A 111 5.00 8.52 -5.92
CA TRP A 111 6.17 9.04 -5.24
C TRP A 111 7.41 8.74 -6.07
N PRO A 112 8.35 9.71 -6.16
CA PRO A 112 8.26 11.09 -5.65
C PRO A 112 7.40 12.00 -6.54
N LEU A 113 7.30 13.25 -6.13
CA LEU A 113 6.45 14.21 -6.76
C LEU A 113 7.27 15.11 -7.68
N ASP A 114 6.60 15.69 -8.68
CA ASP A 114 7.17 16.73 -9.45
C ASP A 114 6.93 18.08 -8.75
N LYS A 115 7.85 18.38 -7.84
CA LYS A 115 7.76 19.55 -6.99
C LYS A 115 7.82 20.83 -7.78
N ASN A 116 8.62 20.91 -8.82
CA ASN A 116 8.58 22.13 -9.63
C ASN A 116 7.21 22.38 -10.32
N GLY A 117 6.59 21.36 -10.85
CA GLY A 117 5.28 21.47 -11.48
C GLY A 117 4.18 21.85 -10.47
N ILE A 118 4.24 21.31 -9.23
CA ILE A 118 3.26 21.68 -8.19
C ILE A 118 3.35 23.20 -7.92
N GLU A 119 4.57 23.68 -7.72
CA GLU A 119 4.83 25.09 -7.44
C GLU A 119 4.33 25.98 -8.59
N GLU A 120 4.52 25.48 -9.80
CA GLU A 120 4.12 26.17 -10.99
C GLU A 120 2.59 26.29 -11.03
N ILE A 121 1.90 25.22 -10.74
CA ILE A 121 0.44 25.25 -10.75
C ILE A 121 -0.07 26.22 -9.64
N ILE A 122 0.57 26.21 -8.47
CA ILE A 122 0.18 27.09 -7.42
C ILE A 122 0.26 28.55 -7.91
N ALA A 123 1.26 28.85 -8.76
CA ALA A 123 1.46 30.18 -9.28
C ALA A 123 0.49 30.53 -10.41
N THR A 124 0.22 29.59 -11.32
CA THR A 124 -0.51 29.93 -12.55
C THR A 124 -1.98 29.61 -12.40
N GLY A 125 -2.29 28.64 -11.57
CA GLY A 125 -3.65 28.18 -11.43
C GLY A 125 -4.09 27.28 -12.53
N GLU A 126 -3.15 26.67 -13.25
CA GLU A 126 -3.47 25.76 -14.36
C GLU A 126 -3.80 24.34 -13.85
N PHE A 127 -4.91 24.24 -13.14
CA PHE A 127 -5.29 22.99 -12.49
C PHE A 127 -5.57 21.81 -13.41
N SER A 128 -5.91 22.08 -14.67
CA SER A 128 -6.05 21.01 -15.68
C SER A 128 -4.86 20.04 -15.81
N LYS A 129 -3.67 20.51 -15.46
CA LYS A 129 -2.49 19.67 -15.53
C LYS A 129 -2.50 18.49 -14.53
N ILE A 130 -3.40 18.51 -13.55
CA ILE A 130 -3.35 17.53 -12.46
C ILE A 130 -4.39 16.44 -12.57
N SER A 131 -5.35 16.59 -13.48
CA SER A 131 -6.53 15.77 -13.53
C SER A 131 -6.48 14.83 -14.70
N GLY A 132 -5.45 14.86 -15.51
CA GLY A 132 -5.31 13.89 -16.62
C GLY A 132 -5.06 12.42 -16.27
N ALA A 133 -5.01 11.59 -17.32
CA ALA A 133 -4.73 10.15 -17.15
C ALA A 133 -3.29 9.96 -16.70
N VAL A 134 -3.03 8.88 -15.98
CA VAL A 134 -1.70 8.52 -15.60
C VAL A 134 -0.81 8.39 -16.84
N ASP A 135 0.35 9.02 -16.83
CA ASP A 135 1.34 8.86 -17.85
C ASP A 135 2.77 8.76 -17.25
N GLU A 136 3.25 7.54 -17.13
CA GLU A 136 4.39 7.24 -16.28
C GLU A 136 5.71 7.70 -16.84
N ASP A 137 5.79 7.93 -18.16
CA ASP A 137 7.03 8.37 -18.78
C ASP A 137 7.14 9.85 -19.17
N ALA A 138 6.27 10.72 -18.67
CA ALA A 138 6.45 12.18 -18.73
C ALA A 138 6.75 12.68 -17.28
N GLU A 139 7.74 13.57 -17.05
CA GLU A 139 8.13 13.96 -15.63
C GLU A 139 6.99 14.74 -14.94
N ASP A 140 6.32 15.54 -15.78
CA ASP A 140 5.08 16.25 -15.44
C ASP A 140 3.81 15.43 -15.78
N GLY A 141 3.89 14.10 -15.75
CA GLY A 141 2.70 13.30 -15.87
C GLY A 141 1.78 13.72 -14.74
N PRO A 142 0.48 13.78 -14.98
CA PRO A 142 -0.44 14.23 -13.96
C PRO A 142 -0.35 13.50 -12.66
N GLN A 143 -0.05 12.21 -12.68
CA GLN A 143 -0.01 11.43 -11.45
C GLN A 143 0.98 11.98 -10.44
N ASN A 144 2.04 12.64 -10.90
CA ASN A 144 3.11 13.12 -10.05
C ASN A 144 2.78 14.54 -9.53
N LEU A 145 1.61 15.04 -9.86
CA LEU A 145 1.12 16.31 -9.37
C LEU A 145 -0.12 16.14 -8.48
N ARG A 146 -0.48 14.92 -8.12
CA ARG A 146 -1.63 14.69 -7.30
C ARG A 146 -1.44 13.53 -6.29
N GLY A 147 -2.53 12.96 -5.76
CA GLY A 147 -2.46 11.76 -4.94
C GLY A 147 -2.18 12.08 -3.49
N PHE A 148 -2.08 11.01 -2.68
CA PHE A 148 -1.84 11.10 -1.21
C PHE A 148 -0.70 12.04 -0.83
N HIS A 149 0.36 12.01 -1.60
CA HIS A 149 1.56 12.75 -1.20
C HIS A 149 1.52 14.21 -1.55
N THR A 150 0.70 14.61 -2.52
CA THR A 150 0.57 16.01 -2.82
C THR A 150 -0.28 16.65 -1.69
N ALA A 151 -1.39 16.01 -1.33
CA ALA A 151 -2.22 16.41 -0.17
C ALA A 151 -1.32 16.46 1.11
N GLU A 152 -0.49 15.45 1.31
CA GLU A 152 0.39 15.32 2.48
C GLU A 152 1.29 16.53 2.58
N LYS A 153 1.88 16.88 1.43
CA LYS A 153 2.89 17.92 1.37
C LYS A 153 2.27 19.24 1.77
N LEU A 155 -0.61 19.46 3.78
CA LEU A 155 -1.26 19.38 5.09
C LEU A 155 -0.28 19.35 6.29
N PHE A 156 0.94 18.91 6.03
CA PHE A 156 1.89 18.50 7.02
C PHE A 156 3.25 19.21 6.83
N LEU A 157 3.95 19.45 7.92
CA LEU A 157 5.34 19.89 7.85
C LEU A 157 6.15 19.13 8.90
N ASP A 158 7.14 18.41 8.41
CA ASP A 158 7.97 17.55 9.23
C ASP A 158 7.25 16.84 10.43
N GLY A 159 6.19 16.12 10.13
CA GLY A 159 5.52 15.31 11.10
C GLY A 159 4.26 15.89 11.73
N GLU A 160 4.00 17.16 11.52
CA GLU A 160 2.96 17.82 12.25
C GLU A 160 2.04 18.48 11.28
N PRO A 161 0.81 18.78 11.73
CA PRO A 161 0.01 19.73 10.98
C PRO A 161 0.79 20.95 10.66
N ARG A 162 0.62 21.39 9.43
CA ARG A 162 1.28 22.60 8.93
C ARG A 162 0.89 23.77 9.80
N ASP A 163 1.80 24.70 9.98
CA ASP A 163 1.41 25.86 10.78
C ASP A 163 0.86 26.98 9.86
N LEU A 164 -0.40 27.37 10.09
CA LEU A 164 -1.07 28.28 9.16
C LEU A 164 -0.50 29.72 9.07
N GLU A 165 0.28 30.15 10.09
CA GLU A 165 0.94 31.49 10.08
C GLU A 165 2.45 31.32 9.71
N THR A 166 3.13 30.28 10.22
CA THR A 166 4.56 30.00 9.83
C THR A 166 4.72 29.71 8.30
N SER A 167 3.82 28.91 7.72
CA SER A 167 3.91 28.56 6.27
C SER A 167 2.55 28.76 5.62
N PRO A 168 2.19 29.99 5.35
CA PRO A 168 0.80 30.23 4.95
C PRO A 168 0.40 29.66 3.60
N PHE A 169 -0.82 29.18 3.51
CA PHE A 169 -1.37 28.70 2.22
C PHE A 169 -1.49 29.80 1.20
N ALA A 170 -1.13 29.52 -0.06
CA ALA A 170 -1.61 30.32 -1.19
C ALA A 170 -3.10 29.95 -1.53
N LYS A 171 -3.91 30.94 -1.94
CA LYS A 171 -5.34 30.75 -2.31
C LYS A 171 -5.43 29.61 -3.35
N ASN A 172 -4.53 29.61 -4.35
CA ASN A 172 -4.52 28.57 -5.38
C ASN A 172 -4.17 27.21 -4.79
N GLU A 173 -3.32 27.18 -3.78
CA GLU A 173 -2.86 25.94 -3.19
C GLU A 173 -4.00 25.28 -2.45
N LEU A 174 -4.93 26.07 -1.90
CA LEU A 174 -6.13 25.52 -1.25
C LEU A 174 -7.04 24.87 -2.26
N GLU A 175 -7.27 25.55 -3.37
CA GLU A 175 -8.07 24.93 -4.41
C GLU A 175 -7.37 23.63 -4.94
N TYR A 176 -6.03 23.65 -5.00
CA TYR A 176 -5.26 22.52 -5.46
C TYR A 176 -5.55 21.33 -4.52
N LEU A 177 -5.41 21.56 -3.21
CA LEU A 177 -5.70 20.60 -2.17
C LEU A 177 -7.11 20.00 -2.30
N LYS A 178 -8.09 20.83 -2.59
CA LYS A 178 -9.47 20.37 -2.81
C LYS A 178 -9.54 19.45 -4.02
N LEU A 179 -8.88 19.84 -5.12
CA LEU A 179 -8.97 19.05 -6.35
C LEU A 179 -8.29 17.68 -6.23
N VAL A 180 -7.13 17.69 -5.58
CA VAL A 180 -6.43 16.50 -5.28
C VAL A 180 -7.27 15.54 -4.43
N SER A 181 -7.94 16.06 -3.41
CA SER A 181 -8.76 15.28 -2.53
C SER A 181 -10.07 14.79 -3.22
N GLU A 182 -10.66 15.57 -4.11
CA GLU A 182 -11.79 15.09 -4.98
C GLU A 182 -11.35 13.87 -5.75
N ARG A 183 -10.15 13.95 -6.29
CA ARG A 183 -9.68 12.91 -7.16
C ARG A 183 -9.25 11.68 -6.30
N LEU A 185 -10.84 10.67 -3.69
CA LEU A 185 -12.17 10.06 -3.42
C LEU A 185 -12.70 9.33 -4.64
N SER A 186 -12.58 9.97 -5.78
CA SER A 186 -13.08 9.43 -7.03
C SER A 186 -12.35 8.08 -7.36
N ASP A 187 -11.02 8.06 -7.20
CA ASP A 187 -10.21 6.88 -7.49
C ASP A 187 -10.61 5.75 -6.53
N THR A 188 -10.84 6.09 -5.27
CA THR A 188 -11.28 5.14 -4.24
C THR A 188 -12.66 4.56 -4.53
N GLN A 189 -13.60 5.41 -4.92
CA GLN A 189 -14.87 4.93 -5.43
C GLN A 189 -14.66 3.97 -6.58
N ASP A 190 -13.77 4.32 -7.53
CA ASP A 190 -13.60 3.46 -8.69
C ASP A 190 -13.02 2.10 -8.25
N LEU A 191 -12.13 2.11 -7.28
CA LEU A 191 -11.48 0.91 -6.78
C LEU A 191 -12.49 -0.05 -6.16
N TYR A 192 -13.32 0.48 -5.27
CA TYR A 192 -14.27 -0.36 -4.54
C TYR A 192 -15.35 -0.81 -5.50
N ASN A 193 -15.92 0.14 -6.26
CA ASN A 193 -16.91 -0.23 -7.31
C ASN A 193 -16.36 -1.18 -8.34
N GLY A 194 -15.13 -1.00 -8.75
CA GLY A 194 -14.55 -1.91 -9.73
C GLY A 194 -14.55 -3.35 -9.27
N TRP A 195 -14.22 -3.59 -8.00
CA TRP A 195 -14.30 -4.92 -7.42
C TRP A 195 -15.75 -5.35 -7.23
N LEU A 196 -16.58 -4.46 -6.68
CA LEU A 196 -17.91 -4.83 -6.24
C LEU A 196 -18.85 -5.11 -7.39
N LYS A 197 -18.84 -4.23 -8.40
CA LYS A 197 -19.78 -4.33 -9.52
C LYS A 197 -19.22 -4.03 -10.90
N GLY A 198 -17.92 -3.70 -10.99
CA GLY A 198 -17.35 -3.20 -12.24
C GLY A 198 -17.65 -1.72 -12.53
N LEU A 199 -16.90 -1.16 -13.48
CA LEU A 199 -16.99 0.26 -13.83
C LEU A 199 -17.63 0.43 -15.19
N GLY A 200 -17.77 -0.66 -15.92
CA GLY A 200 -18.34 -0.60 -17.25
C GLY A 200 -17.40 0.04 -18.25
N THR A 201 -16.10 0.01 -18.02
CA THR A 201 -15.15 0.58 -18.97
C THR A 201 -14.49 -0.57 -19.73
N SER A 202 -13.71 -0.21 -20.72
CA SER A 202 -12.94 -1.18 -21.47
C SER A 202 -11.99 -2.01 -20.57
N ASP A 203 -11.30 -1.35 -19.65
CA ASP A 203 -10.34 -1.99 -18.73
C ASP A 203 -10.98 -2.79 -17.53
N VAL A 204 -12.13 -2.33 -17.05
CA VAL A 204 -12.81 -2.96 -15.92
C VAL A 204 -14.30 -3.03 -16.23
N PRO A 205 -14.68 -4.00 -17.08
CA PRO A 205 -16.07 -4.07 -17.50
C PRO A 205 -17.01 -4.58 -16.44
N SER A 206 -16.61 -5.64 -15.73
CA SER A 206 -17.50 -6.37 -14.82
C SER A 206 -16.85 -6.52 -13.42
N SER A 207 -17.57 -7.07 -12.48
CA SER A 207 -17.07 -7.18 -11.12
C SER A 207 -15.79 -8.01 -11.03
N TYR A 208 -14.76 -7.48 -10.38
CA TYR A 208 -13.51 -8.22 -10.27
C TYR A 208 -13.68 -9.26 -9.23
N ALA A 209 -14.46 -8.95 -8.19
CA ALA A 209 -14.71 -9.91 -7.10
C ALA A 209 -15.36 -11.15 -7.67
N GLU A 210 -16.31 -10.97 -8.56
CA GLU A 210 -17.03 -12.09 -9.12
C GLU A 210 -16.14 -12.89 -10.05
N ALA A 211 -15.37 -12.22 -10.91
CA ALA A 211 -14.46 -12.93 -11.80
C ALA A 211 -13.48 -13.73 -10.96
N LYS A 213 -14.09 -14.93 -7.82
CA LYS A 213 -14.81 -16.05 -7.19
C LYS A 213 -15.12 -17.16 -8.21
N LYS A 214 -15.51 -16.80 -9.43
CA LYS A 214 -15.86 -17.80 -10.45
C LYS A 214 -14.63 -18.53 -11.05
N HIS A 215 -13.52 -17.80 -11.17
CA HIS A 215 -12.26 -18.28 -11.76
C HIS A 215 -12.43 -19.27 -12.90
N ASP A 216 -13.27 -18.91 -13.85
CA ASP A 216 -13.62 -19.82 -14.92
C ASP A 216 -13.16 -19.29 -16.30
N GLY A 217 -12.34 -18.23 -16.33
CA GLY A 217 -11.86 -17.62 -17.56
C GLY A 217 -12.85 -16.70 -18.24
N SER A 218 -13.96 -16.37 -17.61
CA SER A 218 -14.95 -15.51 -18.27
C SER A 218 -14.51 -14.05 -18.29
N ALA A 219 -13.70 -13.62 -17.31
CA ALA A 219 -13.19 -12.23 -17.26
C ALA A 219 -11.79 -12.13 -16.61
N TYR A 220 -11.01 -11.18 -17.12
CA TYR A 220 -9.70 -10.82 -16.55
C TYR A 220 -8.63 -11.96 -16.57
N SER A 221 -8.84 -13.00 -17.37
CA SER A 221 -7.82 -14.05 -17.54
C SER A 221 -7.55 -14.82 -16.23
N ILE A 222 -8.56 -14.92 -15.37
CA ILE A 222 -8.45 -15.78 -14.20
C ILE A 222 -9.11 -17.07 -14.63
N GLY A 223 -8.30 -18.06 -14.99
CA GLY A 223 -8.75 -19.19 -15.84
C GLY A 223 -9.18 -20.42 -15.07
N ASN A 224 -8.70 -20.52 -13.84
CA ASN A 224 -9.05 -21.64 -12.96
C ASN A 224 -8.57 -21.30 -11.58
N VAL A 225 -8.90 -22.14 -10.61
CA VAL A 225 -8.72 -21.79 -9.21
C VAL A 225 -7.25 -21.68 -8.84
N TYR A 226 -6.41 -22.48 -9.50
CA TYR A 226 -4.96 -22.39 -9.28
C TYR A 226 -4.44 -21.03 -9.71
N GLN A 227 -4.98 -20.48 -10.77
CA GLN A 227 -4.58 -19.17 -11.16
C GLN A 227 -4.97 -18.11 -10.18
N ALA A 228 -6.13 -18.26 -9.55
CA ALA A 228 -6.62 -17.31 -8.54
C ALA A 228 -5.73 -17.29 -7.29
N ILE A 229 -5.42 -18.46 -6.74
CA ILE A 229 -4.46 -18.56 -5.64
C ILE A 229 -3.08 -18.02 -6.02
N GLU A 230 -2.56 -18.39 -7.19
CA GLU A 230 -1.23 -17.87 -7.69
C GLU A 230 -1.27 -16.34 -7.75
N LEU A 231 -2.40 -15.78 -8.14
CA LEU A 231 -2.56 -14.32 -8.20
C LEU A 231 -2.39 -13.68 -6.82
N LEU A 233 -0.68 -14.71 -4.37
CA LEU A 233 0.71 -14.88 -3.86
C LEU A 233 1.75 -14.17 -4.70
N ASN A 234 1.35 -13.65 -5.87
CA ASN A 234 2.29 -13.30 -6.92
C ASN A 234 3.22 -12.14 -6.60
N GLY A 235 4.34 -12.12 -7.35
CA GLY A 235 5.47 -11.24 -7.12
C GLY A 235 5.45 -9.92 -7.86
N ASN A 236 4.52 -9.75 -8.80
CA ASN A 236 4.36 -8.45 -9.50
C ASN A 236 3.54 -7.50 -8.65
N ASN A 237 2.35 -7.98 -8.24
CA ASN A 237 1.38 -7.15 -7.52
C ASN A 237 0.56 -7.89 -6.44
N GLY A 238 1.03 -9.06 -6.01
CA GLY A 238 0.45 -9.79 -4.90
C GLY A 238 1.30 -9.83 -3.65
N ALA A 240 3.94 -11.60 -2.53
CA ALA A 240 5.41 -11.56 -2.65
C ALA A 240 5.88 -10.24 -3.25
N GLY A 241 5.03 -9.58 -4.01
CA GLY A 241 5.42 -8.28 -4.58
C GLY A 241 5.67 -7.28 -3.49
N ILE A 242 4.72 -7.22 -2.54
CA ILE A 242 4.80 -6.20 -1.47
C ILE A 242 5.89 -6.51 -0.42
N SER A 243 6.06 -7.79 -0.03
CA SER A 243 7.21 -8.13 0.82
C SER A 243 8.52 -7.69 0.19
N ASN A 244 8.66 -7.97 -1.11
CA ASN A 244 9.90 -7.64 -1.78
C ASN A 244 10.08 -6.14 -1.94
N GLU A 245 8.99 -5.41 -2.18
CA GLU A 245 9.03 -3.96 -2.39
C GLU A 245 9.34 -3.22 -1.09
N VAL A 246 8.69 -3.60 0.00
CA VAL A 246 9.01 -3.00 1.33
C VAL A 246 10.52 -3.14 1.64
N GLY A 247 11.05 -4.34 1.49
CA GLY A 247 12.45 -4.61 1.84
C GLY A 247 13.45 -4.03 0.87
N SER A 248 13.33 -4.35 -0.41
CA SER A 248 14.28 -3.84 -1.43
C SER A 248 14.12 -2.42 -1.87
N ALA A 249 12.91 -1.89 -1.93
CA ALA A 249 12.70 -0.52 -2.43
C ALA A 249 12.44 0.49 -1.32
N LYS A 250 11.39 0.30 -0.52
CA LYS A 250 10.92 1.38 0.34
C LYS A 250 11.93 1.65 1.48
N ILE A 251 12.54 0.57 2.00
CA ILE A 251 13.49 0.68 3.08
C ILE A 251 14.91 0.83 2.48
N THR A 252 15.27 -0.04 1.55
CA THR A 252 16.68 -0.13 1.08
C THR A 252 17.08 1.11 0.32
N ASP A 253 16.20 1.63 -0.53
CA ASP A 253 16.61 2.64 -1.52
C ASP A 253 16.95 4.00 -0.87
N PRO A 254 16.13 4.45 0.11
CA PRO A 254 16.50 5.67 0.87
C PRO A 254 17.79 5.50 1.72
N VAL A 255 18.02 4.31 2.25
CA VAL A 255 19.24 4.04 3.01
C VAL A 255 20.41 4.06 2.08
N THR A 256 20.27 3.54 0.86
CA THR A 256 21.43 3.57 -0.06
C THR A 256 21.82 5.03 -0.33
N ALA A 257 20.80 5.85 -0.61
CA ALA A 257 20.98 7.27 -0.91
C ALA A 257 21.63 7.98 0.26
N TRP A 258 21.12 7.70 1.46
CA TRP A 258 21.69 8.25 2.71
C TRP A 258 23.12 7.90 2.90
N ASN A 259 23.46 6.63 2.66
CA ASN A 259 24.88 6.20 2.76
C ASN A 259 25.84 6.95 1.83
N GLY A 260 25.43 7.23 0.59
CA GLY A 260 26.19 8.08 -0.29
C GLY A 260 26.18 9.57 0.07
N SER A 261 25.38 10.02 1.05
CA SER A 261 25.21 11.48 1.29
C SER A 261 26.06 12.10 2.41
N ASN A 262 25.78 13.38 2.71
CA ASN A 262 26.40 14.09 3.84
C ASN A 262 25.90 13.64 5.23
N LYS A 263 24.87 12.78 5.28
CA LYS A 263 24.29 12.24 6.53
C LYS A 263 23.78 13.31 7.53
N ASP A 264 23.21 14.37 6.98
CA ASP A 264 22.60 15.46 7.71
C ASP A 264 21.08 15.40 7.46
N ALA A 265 20.34 14.86 8.44
CA ALA A 265 18.87 14.70 8.41
C ALA A 265 18.12 16.04 8.37
N THR A 266 18.76 17.11 8.82
CA THR A 266 18.18 18.48 8.74
C THR A 266 18.37 19.21 7.39
N ASP A 267 19.20 18.67 6.50
CA ASP A 267 19.45 19.31 5.19
C ASP A 267 18.27 19.01 4.26
N PRO A 268 17.50 20.05 3.88
CA PRO A 268 16.35 19.84 3.01
C PRO A 268 16.64 19.16 1.63
N ASN A 269 17.89 19.09 1.18
CA ASN A 269 18.21 18.37 -0.07
C ASN A 269 18.90 17.02 0.07
N ASN A 270 18.96 16.51 1.30
CA ASN A 270 19.52 15.21 1.54
C ASN A 270 18.79 14.16 0.72
N PRO A 271 19.51 13.47 -0.18
CA PRO A 271 18.83 12.51 -1.06
C PRO A 271 18.21 11.29 -0.33
N GLY A 272 18.78 10.89 0.79
CA GLY A 272 18.15 9.88 1.59
C GLY A 272 16.80 10.35 2.11
N VAL A 273 16.80 11.50 2.80
CA VAL A 273 15.56 12.02 3.35
C VAL A 273 14.55 12.13 2.22
N LEU A 274 14.94 12.77 1.10
CA LEU A 274 14.01 13.00 -0.01
C LEU A 274 13.45 11.72 -0.60
N ALA A 275 14.17 10.58 -0.54
CA ALA A 275 13.63 9.33 -1.10
C ALA A 275 12.62 8.65 -0.16
N VAL A 276 12.51 9.08 1.09
CA VAL A 276 11.60 8.39 2.06
C VAL A 276 10.15 8.73 1.81
N GLU A 277 9.37 7.79 1.31
CA GLU A 277 7.96 8.00 1.13
C GLU A 277 7.23 8.29 2.47
N SER A 278 6.44 9.38 2.53
CA SER A 278 5.67 9.83 3.71
C SER A 278 6.57 10.45 4.78
N TRP A 279 7.72 10.96 4.40
CA TRP A 279 8.44 11.81 5.29
C TRP A 279 7.78 13.12 5.62
N TYR A 280 6.91 13.63 4.78
CA TYR A 280 6.26 14.92 5.13
C TYR A 280 5.51 14.80 6.46
N SER A 281 4.84 13.67 6.64
CA SER A 281 3.96 13.46 7.77
C SER A 281 4.54 12.47 8.78
N TRP A 282 5.71 11.90 8.48
CA TRP A 282 6.29 10.83 9.32
C TRP A 282 5.34 9.65 9.41
N ASN A 283 4.87 9.14 8.27
CA ASN A 283 3.95 8.02 8.27
C ASN A 283 4.64 6.82 7.69
N SER A 284 5.95 6.86 7.55
CA SER A 284 6.62 5.86 6.71
C SER A 284 6.59 4.47 7.35
N LEU A 285 7.03 4.40 8.60
CA LEU A 285 7.02 3.13 9.34
C LEU A 285 5.62 2.57 9.53
N ASP A 286 4.62 3.39 9.77
CA ASP A 286 3.22 2.87 9.81
C ASP A 286 2.86 2.28 8.41
N ASP A 287 3.23 2.99 7.35
CA ASP A 287 2.96 2.45 6.00
C ASP A 287 3.59 1.08 5.84
N TYR A 288 4.88 0.96 6.17
CA TYR A 288 5.58 -0.28 5.88
C TYR A 288 5.02 -1.45 6.67
N LYS A 289 4.78 -1.23 7.96
CA LYS A 289 4.07 -2.16 8.81
C LYS A 289 2.72 -2.52 8.19
N ASN A 290 1.98 -1.51 7.72
CA ASN A 290 0.63 -1.83 7.20
C ASN A 290 0.72 -2.67 5.91
N ASN A 291 1.70 -2.39 5.06
CA ASN A 291 1.97 -3.25 3.93
C ASN A 291 2.20 -4.75 4.30
N ILE A 292 2.84 -5.01 5.44
CA ILE A 292 3.04 -6.40 5.82
C ILE A 292 1.77 -6.91 6.49
N VAL A 293 1.00 -6.05 7.16
CA VAL A 293 -0.32 -6.46 7.72
C VAL A 293 -1.20 -6.93 6.54
N SER A 294 -1.09 -6.30 5.40
CA SER A 294 -1.82 -6.74 4.21
C SER A 294 -1.52 -8.20 3.89
N ILE A 295 -0.25 -8.61 3.99
CA ILE A 295 0.12 -10.02 3.73
C ILE A 295 -0.54 -10.96 4.77
N LYS A 296 -0.50 -10.51 6.01
CA LYS A 296 -0.94 -11.24 7.17
C LYS A 296 -2.41 -11.50 7.09
N ASN A 297 -3.15 -10.47 6.76
CA ASN A 297 -4.60 -10.57 6.55
C ASN A 297 -4.91 -11.54 5.48
N ALA A 298 -4.16 -11.44 4.37
CA ALA A 298 -4.33 -12.31 3.21
C ALA A 298 -4.10 -13.79 3.57
N TYR A 299 -3.07 -14.07 4.39
CA TYR A 299 -2.62 -15.42 4.63
C TYR A 299 -3.57 -16.10 5.62
N PHE A 300 -4.05 -15.33 6.60
CA PHE A 300 -4.93 -15.87 7.63
C PHE A 300 -6.40 -15.68 7.27
N GLY A 301 -6.70 -14.99 6.18
CA GLY A 301 -8.07 -14.99 5.68
C GLY A 301 -9.07 -14.10 6.37
N GLY A 302 -8.60 -13.00 6.97
CA GLY A 302 -9.48 -11.95 7.49
C GLY A 302 -8.69 -10.72 7.92
N ARG A 303 -9.31 -9.56 7.98
CA ARG A 303 -8.59 -8.38 8.55
C ARG A 303 -8.19 -8.59 10.03
N ASP A 304 -6.94 -8.30 10.36
CA ASP A 304 -6.45 -8.33 11.74
C ASP A 304 -6.48 -9.77 12.33
N LEU A 305 -6.65 -10.78 11.49
CA LEU A 305 -6.54 -12.15 11.97
C LEU A 305 -5.07 -12.59 12.10
N ASP A 306 -4.85 -13.58 12.93
CA ASP A 306 -3.55 -14.20 13.08
C ASP A 306 -3.71 -15.72 13.25
N GLU A 307 -2.62 -16.42 13.53
CA GLU A 307 -2.65 -17.90 13.57
C GLU A 307 -3.72 -18.41 14.55
N GLU A 308 -3.75 -17.79 15.73
CA GLU A 308 -4.68 -18.19 16.81
C GLU A 308 -6.14 -17.77 16.55
N SER A 309 -6.43 -17.09 15.44
CA SER A 309 -7.78 -16.64 15.12
C SER A 309 -8.14 -16.78 13.62
N ALA A 310 -7.30 -17.56 12.91
CA ALA A 310 -7.35 -17.70 11.46
C ALA A 310 -8.64 -18.34 10.99
N SER A 311 -9.07 -17.95 9.79
CA SER A 311 -10.16 -18.65 9.08
C SER A 311 -9.77 -20.07 8.61
N GLU A 312 -10.72 -21.00 8.57
CA GLU A 312 -10.41 -22.35 8.14
C GLU A 312 -10.22 -22.39 6.61
N SER A 313 -10.85 -21.47 5.91
CA SER A 313 -10.56 -21.28 4.50
C SER A 313 -9.55 -20.15 4.28
N SER A 314 -8.30 -20.46 4.61
CA SER A 314 -7.17 -19.55 4.45
C SER A 314 -6.02 -20.27 3.81
N LEU A 315 -5.11 -19.48 3.23
CA LEU A 315 -3.84 -20.00 2.73
C LEU A 315 -3.10 -20.65 3.87
N HIS A 316 -3.26 -20.08 5.07
CA HIS A 316 -2.69 -20.69 6.27
C HIS A 316 -3.12 -22.10 6.45
N ALA A 317 -4.41 -22.34 6.39
CA ALA A 317 -4.93 -23.68 6.61
C ALA A 317 -4.39 -24.60 5.53
N LEU A 318 -4.43 -24.18 4.26
CA LEU A 318 -4.00 -25.06 3.19
C LEU A 318 -2.52 -25.37 3.31
N THR A 319 -1.69 -24.36 3.59
CA THR A 319 -0.27 -24.61 3.80
C THR A 319 0.00 -25.56 4.97
N LYS A 320 -0.68 -25.35 6.10
CA LYS A 320 -0.53 -26.24 7.25
C LYS A 320 -0.77 -27.70 6.83
N ILE A 322 -0.57 -29.00 3.82
CA ILE A 322 0.47 -29.45 2.85
C ILE A 322 1.81 -29.71 3.55
N ASN A 323 2.21 -28.78 4.41
CA ASN A 323 3.48 -28.90 5.17
C ASN A 323 3.48 -28.09 6.45
N PRO A 324 3.16 -28.72 7.61
CA PRO A 324 3.09 -27.93 8.89
C PRO A 324 4.32 -27.06 9.21
N THR A 325 5.51 -27.50 8.81
CA THR A 325 6.76 -26.79 9.09
C THR A 325 6.82 -25.50 8.28
N LEU A 326 6.50 -25.57 6.99
CA LEU A 326 6.49 -24.40 6.14
C LEU A 326 5.49 -23.40 6.68
N ASP A 327 4.30 -23.84 7.05
CA ASP A 327 3.30 -22.91 7.61
C ASP A 327 3.81 -22.25 8.91
N SER A 328 4.38 -23.09 9.75
CA SER A 328 4.88 -22.63 11.02
C SER A 328 6.00 -21.63 10.76
N LEU A 329 6.84 -21.88 9.75
CA LEU A 329 7.91 -20.92 9.44
C LEU A 329 7.36 -19.55 8.91
N VAL A 331 4.19 -18.35 9.71
CA VAL A 331 3.60 -17.70 10.87
C VAL A 331 4.69 -16.86 11.58
N VAL A 332 5.83 -17.47 11.90
CA VAL A 332 6.94 -16.81 12.58
C VAL A 332 7.43 -15.62 11.75
N GLN A 333 7.55 -15.80 10.45
CA GLN A 333 8.19 -14.82 9.60
C GLN A 333 7.34 -13.57 9.39
N ILE A 334 6.02 -13.71 9.27
CA ILE A 334 5.13 -12.52 9.13
C ILE A 334 5.35 -11.64 10.38
N ASP A 335 5.22 -12.28 11.53
CA ASP A 335 5.43 -11.57 12.81
C ASP A 335 6.86 -11.04 13.01
N LYS A 336 7.88 -11.76 12.56
CA LYS A 336 9.28 -11.28 12.65
C LYS A 336 9.48 -10.02 11.77
N THR A 337 8.77 -9.95 10.67
CA THR A 337 8.99 -8.87 9.70
C THR A 337 8.33 -7.61 10.22
N ILE A 338 7.10 -7.74 10.76
CA ILE A 338 6.37 -6.65 11.40
C ILE A 338 7.13 -6.16 12.63
N ASP A 339 7.58 -7.09 13.47
CA ASP A 339 8.32 -6.67 14.66
C ASP A 339 9.61 -5.90 14.27
N ALA A 340 10.31 -6.34 13.21
CA ALA A 340 11.55 -5.71 12.76
C ALA A 340 11.26 -4.31 12.20
N ILE A 341 10.18 -4.16 11.45
CA ILE A 341 9.80 -2.87 10.95
C ILE A 341 9.54 -1.95 12.14
N ASN A 342 8.72 -2.39 13.11
CA ASN A 342 8.37 -1.59 14.31
C ASN A 342 9.57 -1.20 15.20
N ALA A 343 10.65 -1.98 15.18
CA ALA A 343 11.81 -1.71 16.01
C ALA A 343 12.71 -0.62 15.40
N ILE A 344 12.53 -0.34 14.10
CA ILE A 344 13.29 0.79 13.46
C ILE A 344 12.93 2.09 14.15
N GLY A 345 13.96 2.92 14.31
CA GLY A 345 13.81 4.19 15.00
C GLY A 345 12.86 5.13 14.28
N TYR A 346 11.99 5.77 15.04
CA TYR A 346 10.95 6.64 14.53
C TYR A 346 11.33 8.08 14.73
N PRO A 347 11.04 8.92 13.74
CA PRO A 347 10.51 8.58 12.43
C PRO A 347 11.66 8.06 11.57
N PHE A 348 11.36 7.31 10.51
CA PHE A 348 12.41 6.73 9.59
C PHE A 348 13.25 7.81 8.97
N ARG A 349 12.64 8.92 8.60
CA ARG A 349 13.48 10.01 8.05
C ARG A 349 14.59 10.56 8.90
N ASN A 350 14.56 10.33 10.22
CA ASN A 350 15.67 10.72 11.09
C ASN A 350 16.51 9.59 11.56
N ASN A 351 16.25 8.39 11.05
CA ASN A 351 16.94 7.21 11.54
C ASN A 351 17.41 6.33 10.40
N LEU A 352 17.72 6.95 9.28
CA LEU A 352 18.21 6.20 8.12
C LEU A 352 19.57 5.58 8.43
N GLY A 353 20.26 6.08 9.44
CA GLY A 353 21.48 5.45 9.93
C GLY A 353 21.30 4.48 11.08
N ASP A 354 20.09 3.97 11.29
CA ASP A 354 19.82 2.99 12.37
C ASP A 354 20.12 1.56 11.92
N THR A 355 21.37 1.28 11.58
CA THR A 355 21.77 0.16 10.68
C THR A 355 21.31 -1.22 11.09
N GLU A 356 21.57 -1.58 12.34
CA GLU A 356 21.26 -2.91 12.81
C GLU A 356 19.76 -3.22 12.65
N HIS A 357 18.90 -2.36 13.21
CA HIS A 357 17.45 -2.54 13.06
C HIS A 357 17.00 -2.57 11.61
N ILE A 358 17.57 -1.69 10.77
CA ILE A 358 17.18 -1.61 9.32
C ILE A 358 17.52 -2.97 8.64
N ASN A 359 18.70 -3.51 8.93
CA ASN A 359 19.13 -4.77 8.34
C ASN A 359 18.32 -5.94 8.74
N THR A 360 17.96 -6.05 10.02
CA THR A 360 17.04 -7.12 10.49
C THR A 360 15.73 -7.01 9.70
N ALA A 361 15.31 -5.76 9.45
CA ALA A 361 14.04 -5.49 8.79
C ALA A 361 14.14 -5.91 7.34
N THR A 362 15.18 -5.46 6.64
CA THR A 362 15.31 -5.82 5.19
C THR A 362 15.62 -7.31 5.00
N GLU A 363 16.41 -7.93 5.86
CA GLU A 363 16.54 -9.41 5.82
C GLU A 363 15.25 -10.14 6.12
N ALA A 364 14.38 -9.59 6.95
CA ALA A 364 13.16 -10.27 7.27
C ALA A 364 12.17 -10.19 6.08
N CYS A 365 12.15 -9.05 5.37
CA CYS A 365 11.32 -8.95 4.14
C CYS A 365 11.86 -9.87 3.07
N ALA A 366 13.18 -10.00 2.97
CA ALA A 366 13.74 -10.84 1.91
C ALA A 366 13.36 -12.34 2.18
N ASP A 367 13.47 -12.76 3.44
CA ASP A 367 13.00 -14.10 3.87
C ASP A 367 11.45 -14.30 3.75
N LEU A 368 10.62 -13.29 3.94
CA LEU A 368 9.17 -13.46 3.80
C LEU A 368 8.91 -13.67 2.31
N THR A 369 9.65 -12.97 1.48
CA THR A 369 9.54 -13.13 0.03
C THR A 369 9.90 -14.55 -0.43
N THR A 370 10.99 -15.11 0.06
CA THR A 370 11.34 -16.47 -0.25
C THR A 370 10.25 -17.43 0.19
N GLY A 371 9.74 -17.24 1.41
CA GLY A 371 8.70 -18.11 1.99
C GLY A 371 7.43 -18.11 1.17
N LEU A 372 6.95 -16.92 0.82
CA LEU A 372 5.78 -16.79 -0.04
C LEU A 372 6.02 -17.45 -1.41
N GLY A 373 7.23 -17.40 -1.97
CA GLY A 373 7.57 -18.16 -3.19
C GLY A 373 7.37 -19.68 -3.06
N VAL A 374 7.70 -20.20 -1.88
CA VAL A 374 7.62 -21.64 -1.65
C VAL A 374 6.16 -22.01 -1.51
N VAL A 375 5.41 -21.21 -0.75
CA VAL A 375 3.97 -21.42 -0.67
C VAL A 375 3.35 -21.39 -2.08
N LYS A 376 3.77 -20.48 -2.94
CA LYS A 376 3.16 -20.36 -4.27
C LYS A 376 3.45 -21.59 -5.13
N SER A 377 4.61 -22.17 -4.88
CA SER A 377 5.08 -23.33 -5.63
C SER A 377 4.20 -24.55 -5.37
N LYS A 378 3.54 -24.61 -4.21
CA LYS A 378 2.56 -25.69 -3.96
C LYS A 378 1.24 -25.54 -4.72
N PHE A 379 1.18 -24.72 -5.77
CA PHE A 379 -0.04 -24.50 -6.58
C PHE A 379 0.31 -24.17 -8.04
N THR A 380 1.43 -24.68 -8.56
CA THR A 380 1.83 -24.44 -9.96
C THR A 380 2.73 -25.57 -10.49
#